data_1RIP
#
_entry.id   1RIP
#
_cell.length_a   1.000
_cell.length_b   1.000
_cell.length_c   1.000
_cell.angle_alpha   90.00
_cell.angle_beta   90.00
_cell.angle_gamma   90.00
#
_symmetry.space_group_name_H-M   'P 1'
#
_entity_poly.entity_id   1
_entity_poly.type   'polypeptide(L)'
_entity_poly.pdbx_seq_one_letter_code
;QRKVYVGRVVSDKMDKTITVLVETYKKHPLYGKRVKYSKKYKAHDEHNEAKVGDIVKIMETRPLSATKRFRLVEIVEKAV
R
;
_entity_poly.pdbx_strand_id   A
#
# COMPACT_ATOMS: atom_id res chain seq x y z
N GLN A 1 7.28 12.27 -7.91
CA GLN A 1 7.80 11.40 -6.81
C GLN A 1 8.56 10.21 -7.41
N ARG A 2 9.67 9.84 -6.83
CA ARG A 2 10.45 8.69 -7.38
C ARG A 2 9.59 7.44 -7.33
N LYS A 3 9.45 6.84 -6.18
CA LYS A 3 8.62 5.61 -6.07
C LYS A 3 7.73 5.72 -4.82
N VAL A 4 7.33 4.60 -4.28
CA VAL A 4 6.46 4.53 -3.04
C VAL A 4 5.03 4.24 -3.45
N TYR A 5 4.10 4.69 -2.66
CA TYR A 5 2.65 4.48 -2.92
C TYR A 5 1.96 4.58 -1.58
N VAL A 6 0.84 3.94 -1.43
CA VAL A 6 0.11 4.07 -0.15
C VAL A 6 -1.37 3.81 -0.32
N GLY A 7 -2.02 3.50 0.78
CA GLY A 7 -3.48 3.34 0.68
C GLY A 7 -4.07 2.08 1.24
N ARG A 8 -4.79 1.42 0.40
CA ARG A 8 -5.56 0.26 0.78
C ARG A 8 -5.01 -0.50 1.89
N VAL A 9 -5.96 -0.87 2.69
CA VAL A 9 -5.74 -1.78 3.79
C VAL A 9 -5.00 -1.22 5.00
N VAL A 10 -3.73 -1.46 5.23
CA VAL A 10 -3.09 -1.01 6.50
C VAL A 10 -3.09 -2.26 7.40
N SER A 11 -3.92 -3.16 6.98
CA SER A 11 -4.12 -4.52 7.55
C SER A 11 -4.33 -5.37 6.29
N ASP A 12 -4.83 -6.59 6.37
CA ASP A 12 -5.08 -7.43 5.10
C ASP A 12 -4.69 -8.90 5.34
N LYS A 13 -3.62 -9.15 6.08
CA LYS A 13 -3.14 -10.53 6.30
C LYS A 13 -2.07 -10.80 5.25
N MET A 14 -1.07 -11.54 5.61
CA MET A 14 0.04 -11.83 4.67
C MET A 14 1.28 -12.19 5.48
N ASP A 15 1.11 -13.05 6.45
CA ASP A 15 2.26 -13.47 7.30
C ASP A 15 3.21 -12.28 7.50
N LYS A 16 2.70 -11.08 7.46
CA LYS A 16 3.61 -9.92 7.66
C LYS A 16 3.04 -9.13 8.81
N THR A 17 1.83 -8.66 8.64
CA THR A 17 1.12 -7.91 9.74
C THR A 17 1.23 -6.40 9.60
N ILE A 18 0.20 -5.79 9.09
CA ILE A 18 0.17 -4.29 8.91
C ILE A 18 0.76 -3.95 7.56
N THR A 19 0.42 -2.81 6.99
CA THR A 19 0.98 -2.42 5.63
C THR A 19 -0.04 -1.64 4.80
N VAL A 20 -0.79 -2.26 3.95
CA VAL A 20 -1.71 -1.47 3.04
C VAL A 20 -2.02 -2.38 1.85
N LEU A 21 -2.03 -1.86 0.71
CA LEU A 21 -2.39 -2.55 -0.54
C LEU A 21 -3.03 -1.46 -1.32
N VAL A 22 -3.25 -1.64 -2.58
CA VAL A 22 -3.67 -0.46 -3.35
C VAL A 22 -3.74 -0.87 -4.83
N GLU A 23 -4.48 -1.93 -5.11
CA GLU A 23 -4.74 -2.43 -6.50
C GLU A 23 -3.52 -3.12 -7.18
N THR A 24 -2.97 -2.55 -8.25
CA THR A 24 -1.80 -3.20 -8.98
C THR A 24 -1.77 -2.83 -10.47
N TYR A 25 -0.82 -2.07 -10.91
CA TYR A 25 -0.66 -1.63 -12.39
C TYR A 25 -0.99 -0.14 -12.66
N LYS A 26 -0.61 0.37 -13.81
CA LYS A 26 -0.93 1.81 -14.10
C LYS A 26 -2.40 2.05 -13.75
N LYS A 27 -3.28 1.80 -14.69
CA LYS A 27 -4.77 1.96 -14.47
C LYS A 27 -5.42 2.49 -15.75
N HIS A 28 -4.73 3.32 -16.48
CA HIS A 28 -5.30 3.88 -17.74
C HIS A 28 -6.82 4.13 -17.54
N PRO A 29 -7.65 4.16 -18.57
CA PRO A 29 -9.09 4.45 -18.39
C PRO A 29 -9.83 3.22 -17.84
N LEU A 30 -9.73 2.11 -18.51
CA LEU A 30 -10.45 0.87 -18.06
C LEU A 30 -10.77 0.01 -19.29
N TYR A 31 -10.86 0.66 -20.43
CA TYR A 31 -11.17 -0.01 -21.73
C TYR A 31 -11.30 -1.52 -21.57
N GLY A 32 -10.20 -2.21 -21.59
CA GLY A 32 -10.24 -3.70 -21.43
C GLY A 32 -8.84 -4.26 -21.65
N LYS A 33 -7.84 -3.55 -21.19
CA LYS A 33 -6.45 -4.07 -21.35
C LYS A 33 -6.05 -4.73 -20.05
N ARG A 34 -6.96 -5.45 -19.45
CA ARG A 34 -6.66 -6.10 -18.16
C ARG A 34 -6.43 -5.01 -17.14
N VAL A 35 -5.21 -4.61 -17.01
CA VAL A 35 -4.77 -3.52 -16.07
C VAL A 35 -4.19 -4.10 -14.79
N LYS A 36 -5.05 -4.27 -13.81
CA LYS A 36 -4.67 -4.74 -12.46
C LYS A 36 -4.99 -3.53 -11.53
N TYR A 37 -4.52 -2.33 -11.88
CA TYR A 37 -4.91 -1.04 -11.17
C TYR A 37 -4.00 -0.38 -10.10
N SER A 38 -2.73 -0.45 -10.23
CA SER A 38 -1.73 0.28 -9.32
C SER A 38 -0.81 -0.61 -8.42
N LYS A 39 -1.21 -1.17 -7.27
CA LYS A 39 -0.20 -1.97 -6.50
C LYS A 39 -0.83 -2.70 -5.27
N LYS A 40 -0.08 -2.97 -4.23
CA LYS A 40 -0.67 -3.79 -3.11
C LYS A 40 0.47 -4.22 -2.16
N TYR A 41 0.23 -4.31 -0.84
CA TYR A 41 1.34 -4.59 0.10
C TYR A 41 0.78 -5.23 1.39
N LYS A 42 1.38 -6.32 1.73
CA LYS A 42 1.02 -7.21 2.92
C LYS A 42 0.18 -6.55 4.04
N ALA A 43 0.25 -7.11 5.25
CA ALA A 43 -0.50 -6.58 6.44
C ALA A 43 -1.15 -7.71 7.28
N HIS A 44 -2.23 -7.42 8.00
CA HIS A 44 -2.91 -8.47 8.86
C HIS A 44 -3.99 -7.81 9.72
N ASP A 45 -4.25 -8.40 10.87
CA ASP A 45 -5.27 -7.83 11.80
C ASP A 45 -4.53 -7.25 13.00
N GLU A 46 -4.27 -5.97 12.99
CA GLU A 46 -3.54 -5.36 14.12
C GLU A 46 -4.50 -4.98 15.25
N HIS A 47 -5.24 -5.94 15.76
CA HIS A 47 -6.20 -5.67 16.87
C HIS A 47 -7.54 -5.28 16.28
N ASN A 48 -8.58 -5.68 16.93
CA ASN A 48 -9.95 -5.38 16.44
C ASN A 48 -10.17 -6.20 15.18
N GLU A 49 -9.26 -7.11 14.89
CA GLU A 49 -9.40 -7.92 13.66
C GLU A 49 -9.21 -7.01 12.45
N ALA A 50 -8.84 -5.78 12.69
CA ALA A 50 -8.61 -4.82 11.57
C ALA A 50 -9.65 -5.03 10.45
N LYS A 51 -9.29 -5.73 9.40
CA LYS A 51 -10.23 -5.97 8.27
C LYS A 51 -10.09 -4.80 7.29
N VAL A 52 -9.06 -4.83 6.48
CA VAL A 52 -8.84 -3.70 5.53
C VAL A 52 -8.56 -2.43 6.35
N GLY A 53 -7.39 -2.38 6.92
CA GLY A 53 -6.99 -1.21 7.77
C GLY A 53 -7.70 0.08 7.31
N ASP A 54 -7.74 0.31 6.01
CA ASP A 54 -8.39 1.53 5.41
C ASP A 54 -7.44 2.08 4.33
N ILE A 55 -6.82 3.23 4.57
CA ILE A 55 -5.88 3.80 3.54
C ILE A 55 -4.63 4.33 4.25
N VAL A 56 -3.60 3.53 4.38
CA VAL A 56 -2.36 4.03 5.10
C VAL A 56 -1.32 4.60 4.14
N LYS A 57 -0.25 3.91 3.93
CA LYS A 57 0.85 4.43 3.06
C LYS A 57 2.18 3.72 3.37
N ILE A 58 3.25 3.99 2.59
CA ILE A 58 4.60 3.31 2.78
C ILE A 58 5.36 3.22 1.44
N MET A 59 5.64 2.05 1.01
CA MET A 59 6.38 1.79 -0.24
C MET A 59 6.94 0.39 -0.25
N GLU A 60 8.18 0.14 -0.06
CA GLU A 60 8.66 -1.28 -0.15
C GLU A 60 8.87 -1.65 -1.63
N THR A 61 9.62 -0.84 -2.32
CA THR A 61 9.92 -1.09 -3.76
C THR A 61 10.35 -2.55 -3.93
N ARG A 62 10.27 -3.06 -5.14
CA ARG A 62 10.68 -4.47 -5.40
C ARG A 62 12.19 -4.61 -5.19
N PRO A 63 12.60 -5.76 -4.69
CA PRO A 63 14.02 -6.05 -4.44
C PRO A 63 14.79 -6.02 -5.76
N LEU A 64 15.95 -5.41 -5.77
CA LEU A 64 16.75 -5.36 -7.03
C LEU A 64 18.15 -5.90 -6.79
N SER A 65 18.39 -6.39 -5.62
CA SER A 65 19.72 -6.96 -5.28
C SER A 65 19.82 -7.19 -3.78
N ALA A 66 19.88 -6.12 -3.01
CA ALA A 66 19.98 -6.29 -1.53
C ALA A 66 19.17 -5.18 -0.84
N THR A 67 17.90 -5.08 -1.14
CA THR A 67 17.05 -4.04 -0.50
C THR A 67 15.62 -4.56 -0.37
N LYS A 68 15.21 -4.94 0.81
CA LYS A 68 13.83 -5.46 0.99
C LYS A 68 13.04 -4.57 1.96
N ARG A 69 13.69 -3.65 2.60
CA ARG A 69 12.97 -2.75 3.55
C ARG A 69 12.00 -1.89 2.73
N PHE A 70 11.14 -1.14 3.37
CA PHE A 70 10.19 -0.31 2.56
C PHE A 70 10.25 1.15 2.96
N ARG A 71 9.46 1.95 2.32
CA ARG A 71 9.48 3.41 2.64
C ARG A 71 8.12 3.77 3.18
N LEU A 72 7.91 5.01 3.60
CA LEU A 72 6.57 5.37 4.14
C LEU A 72 6.52 6.70 4.93
N VAL A 73 5.91 6.64 6.09
CA VAL A 73 5.63 7.80 6.97
C VAL A 73 4.27 7.46 7.60
N GLU A 74 3.54 6.48 7.06
CA GLU A 74 2.26 6.05 7.65
C GLU A 74 1.08 6.82 7.07
N ILE A 75 -0.06 6.46 7.55
CA ILE A 75 -1.36 7.03 7.13
C ILE A 75 -2.38 5.91 7.34
N VAL A 76 -3.67 6.06 7.01
CA VAL A 76 -4.68 4.96 7.27
C VAL A 76 -6.02 5.59 7.61
N GLU A 77 -6.04 6.63 8.40
CA GLU A 77 -7.34 7.28 8.75
C GLU A 77 -7.09 8.55 9.56
N LYS A 78 -7.99 9.49 9.50
CA LYS A 78 -7.80 10.76 10.26
C LYS A 78 -8.17 10.53 11.73
N ALA A 79 -7.63 11.32 12.61
CA ALA A 79 -7.96 11.16 14.06
C ALA A 79 -7.27 9.89 14.58
N VAL A 80 -6.05 10.04 15.06
CA VAL A 80 -5.25 8.88 15.61
C VAL A 80 -3.76 9.20 15.46
N ARG A 81 -3.30 10.21 16.15
CA ARG A 81 -1.86 10.61 16.07
C ARG A 81 -1.67 11.60 14.91
N GLN A 1 6.60 10.04 -8.83
CA GLN A 1 7.72 9.47 -8.01
C GLN A 1 8.22 8.18 -8.68
N ARG A 2 7.32 7.30 -9.03
CA ARG A 2 7.72 6.02 -9.69
C ARG A 2 8.48 5.13 -8.71
N LYS A 3 8.63 5.54 -7.48
CA LYS A 3 9.35 4.68 -6.50
C LYS A 3 8.85 4.97 -5.09
N VAL A 4 8.32 3.95 -4.45
CA VAL A 4 7.76 4.02 -3.05
C VAL A 4 6.44 3.23 -3.02
N TYR A 5 5.32 3.84 -2.66
CA TYR A 5 3.99 3.12 -2.62
C TYR A 5 3.06 3.85 -1.66
N VAL A 6 1.91 3.28 -1.50
CA VAL A 6 0.88 3.80 -0.57
C VAL A 6 -0.46 3.50 -1.16
N GLY A 7 -1.46 3.44 -0.35
CA GLY A 7 -2.76 3.07 -0.96
C GLY A 7 -3.84 2.70 0.02
N ARG A 8 -4.47 1.60 -0.26
CA ARG A 8 -5.61 1.15 0.57
C ARG A 8 -5.23 0.10 1.53
N VAL A 9 -6.21 -0.17 2.30
CA VAL A 9 -6.20 -1.22 3.31
C VAL A 9 -4.96 -1.29 4.20
N VAL A 10 -4.03 -2.20 3.97
CA VAL A 10 -2.83 -2.38 4.86
C VAL A 10 -2.85 -3.81 5.35
N SER A 11 -4.05 -4.28 5.53
CA SER A 11 -4.33 -5.68 5.96
C SER A 11 -5.47 -6.20 5.07
N ASP A 12 -6.56 -5.48 4.98
CA ASP A 12 -7.67 -5.86 4.06
C ASP A 12 -8.71 -6.73 4.77
N LYS A 13 -8.41 -7.21 5.96
CA LYS A 13 -9.35 -8.11 6.70
C LYS A 13 -9.02 -9.54 6.33
N MET A 14 -8.96 -10.40 7.32
CA MET A 14 -8.64 -11.84 7.11
C MET A 14 -8.00 -12.39 8.38
N ASP A 15 -8.50 -12.00 9.53
CA ASP A 15 -7.95 -12.49 10.83
C ASP A 15 -6.44 -12.68 10.68
N LYS A 16 -5.81 -11.88 9.87
CA LYS A 16 -4.35 -12.05 9.69
C LYS A 16 -3.69 -10.69 9.60
N THR A 17 -4.11 -9.87 8.65
CA THR A 17 -3.51 -8.49 8.48
C THR A 17 -2.52 -8.50 7.31
N ILE A 18 -1.92 -7.37 6.98
CA ILE A 18 -0.92 -7.33 5.88
C ILE A 18 -1.59 -7.09 4.54
N THR A 19 -1.08 -6.11 3.85
CA THR A 19 -1.58 -5.70 2.49
C THR A 19 -1.59 -4.16 2.41
N VAL A 20 -2.29 -3.65 1.44
CA VAL A 20 -2.48 -2.17 1.23
C VAL A 20 -3.08 -1.99 -0.13
N LEU A 21 -2.43 -2.41 -1.11
CA LEU A 21 -3.02 -2.32 -2.48
C LEU A 21 -2.59 -0.99 -3.06
N VAL A 22 -2.08 -1.00 -4.27
CA VAL A 22 -1.58 0.24 -4.95
C VAL A 22 -0.74 -0.19 -6.17
N GLU A 23 -0.69 0.62 -7.21
CA GLU A 23 0.15 0.25 -8.38
C GLU A 23 0.18 1.38 -9.43
N THR A 24 -0.94 1.75 -10.02
CA THR A 24 -0.93 2.83 -11.06
C THR A 24 -2.09 2.70 -12.02
N TYR A 25 -3.13 3.41 -11.76
CA TYR A 25 -4.37 3.47 -12.64
C TYR A 25 -5.64 3.19 -11.85
N LYS A 26 -6.75 3.42 -12.48
CA LYS A 26 -8.08 3.18 -11.85
C LYS A 26 -8.76 2.02 -12.57
N LYS A 27 -10.01 2.17 -12.97
CA LYS A 27 -10.69 1.06 -13.70
C LYS A 27 -11.28 1.58 -15.01
N HIS A 28 -10.95 2.79 -15.38
CA HIS A 28 -11.41 3.39 -16.67
C HIS A 28 -12.79 2.77 -17.11
N PRO A 29 -13.06 2.51 -18.39
CA PRO A 29 -14.38 1.98 -18.77
C PRO A 29 -14.47 0.48 -18.48
N LEU A 30 -13.53 -0.28 -18.99
CA LEU A 30 -13.51 -1.77 -18.78
C LEU A 30 -12.84 -2.42 -20.00
N TYR A 31 -12.83 -1.72 -21.11
CA TYR A 31 -12.19 -2.26 -22.33
C TYR A 31 -10.92 -3.02 -21.97
N GLY A 32 -10.11 -2.46 -21.12
CA GLY A 32 -8.85 -3.13 -20.73
C GLY A 32 -7.70 -2.63 -21.60
N LYS A 33 -7.55 -1.34 -21.71
CA LYS A 33 -6.45 -0.80 -22.54
C LYS A 33 -5.22 -0.57 -21.66
N ARG A 34 -4.32 -1.51 -21.62
CA ARG A 34 -3.12 -1.34 -20.76
C ARG A 34 -3.58 -1.11 -19.33
N VAL A 35 -3.73 0.13 -18.97
CA VAL A 35 -4.20 0.53 -17.59
C VAL A 35 -3.05 1.01 -16.73
N LYS A 36 -2.21 0.09 -16.33
CA LYS A 36 -1.08 0.34 -15.39
C LYS A 36 -1.57 -0.28 -14.08
N TYR A 37 -2.82 -0.01 -13.77
CA TYR A 37 -3.53 -0.66 -12.62
C TYR A 37 -3.60 0.12 -11.29
N SER A 38 -3.27 -0.53 -10.19
CA SER A 38 -3.37 0.08 -8.82
C SER A 38 -3.91 -0.99 -7.87
N LYS A 39 -3.02 -1.81 -7.33
CA LYS A 39 -3.47 -2.86 -6.38
C LYS A 39 -2.23 -3.48 -5.77
N LYS A 40 -2.32 -4.29 -4.74
CA LYS A 40 -1.09 -4.94 -4.14
C LYS A 40 -0.46 -4.08 -3.02
N TYR A 41 0.32 -4.77 -2.19
CA TYR A 41 1.18 -4.21 -1.08
C TYR A 41 0.78 -4.85 0.23
N LYS A 42 1.76 -4.99 1.09
CA LYS A 42 1.58 -5.62 2.45
C LYS A 42 1.60 -4.56 3.57
N ALA A 43 1.47 -4.99 4.83
CA ALA A 43 1.47 -4.02 5.98
C ALA A 43 0.74 -4.62 7.18
N HIS A 44 1.45 -4.89 8.24
CA HIS A 44 0.79 -5.49 9.43
C HIS A 44 0.21 -4.40 10.33
N ASP A 45 -1.09 -4.41 10.52
CA ASP A 45 -1.72 -3.38 11.40
C ASP A 45 -1.91 -3.98 12.80
N GLU A 46 -0.90 -3.91 13.62
CA GLU A 46 -1.02 -4.47 15.00
C GLU A 46 -2.29 -3.93 15.66
N HIS A 47 -3.14 -4.81 16.14
CA HIS A 47 -4.42 -4.39 16.80
C HIS A 47 -5.48 -5.48 16.63
N ASN A 48 -5.10 -6.70 16.69
CA ASN A 48 -6.07 -7.81 16.51
C ASN A 48 -6.34 -7.99 15.02
N GLU A 49 -5.32 -7.80 14.22
CA GLU A 49 -5.46 -7.92 12.74
C GLU A 49 -6.06 -6.64 12.16
N ALA A 50 -6.72 -5.86 12.98
CA ALA A 50 -7.32 -4.58 12.48
C ALA A 50 -8.66 -4.86 11.77
N LYS A 51 -8.73 -5.90 10.98
CA LYS A 51 -10.00 -6.25 10.26
C LYS A 51 -10.04 -5.52 8.92
N VAL A 52 -9.11 -4.65 8.65
CA VAL A 52 -9.11 -3.90 7.35
C VAL A 52 -8.06 -2.81 7.40
N GLY A 53 -6.81 -3.19 7.23
CA GLY A 53 -5.67 -2.22 7.20
C GLY A 53 -6.15 -0.79 7.38
N ASP A 54 -6.88 -0.34 6.38
CA ASP A 54 -7.49 1.03 6.36
C ASP A 54 -6.73 1.88 5.33
N ILE A 55 -6.27 3.06 5.69
CA ILE A 55 -5.51 3.86 4.70
C ILE A 55 -4.04 3.51 4.91
N VAL A 56 -3.36 3.25 3.84
CA VAL A 56 -1.95 2.81 3.95
C VAL A 56 -0.94 3.87 3.40
N LYS A 57 0.21 3.38 3.04
CA LYS A 57 1.38 4.16 2.53
C LYS A 57 2.56 3.27 2.84
N ILE A 58 3.67 3.35 2.11
CA ILE A 58 4.77 2.30 2.30
C ILE A 58 5.63 2.28 0.98
N MET A 59 5.96 1.17 0.43
CA MET A 59 6.85 1.13 -0.80
C MET A 59 7.53 -0.22 -0.94
N GLU A 60 8.60 -0.48 -0.33
CA GLU A 60 9.27 -1.82 -0.54
C GLU A 60 10.06 -1.81 -1.84
N THR A 61 10.22 -0.64 -2.37
CA THR A 61 11.06 -0.45 -3.58
C THR A 61 10.96 -1.67 -4.52
N ARG A 62 11.90 -1.81 -5.40
CA ARG A 62 11.89 -2.97 -6.34
C ARG A 62 12.74 -4.08 -5.70
N PRO A 63 12.59 -5.29 -6.18
CA PRO A 63 13.36 -6.43 -5.65
C PRO A 63 14.85 -6.11 -5.63
N LEU A 64 15.32 -5.48 -4.58
CA LEU A 64 16.77 -5.13 -4.50
C LEU A 64 17.06 -4.49 -3.14
N SER A 65 18.31 -4.49 -2.73
CA SER A 65 18.67 -3.88 -1.42
C SER A 65 18.31 -4.85 -0.28
N ALA A 66 17.66 -5.93 -0.59
CA ALA A 66 17.29 -6.90 0.48
C ALA A 66 16.50 -6.17 1.58
N THR A 67 15.21 -6.29 1.57
CA THR A 67 14.39 -5.61 2.61
C THR A 67 13.35 -6.58 3.15
N LYS A 68 12.77 -6.27 4.28
CA LYS A 68 11.74 -7.18 4.87
C LYS A 68 10.55 -7.30 3.91
N ARG A 69 9.57 -6.46 4.06
CA ARG A 69 8.38 -6.54 3.16
C ARG A 69 8.20 -5.20 2.43
N PHE A 70 8.63 -4.12 3.04
CA PHE A 70 8.47 -2.79 2.36
C PHE A 70 8.93 -1.69 3.28
N ARG A 71 8.77 -0.48 2.84
CA ARG A 71 9.18 0.65 3.71
C ARG A 71 8.21 1.84 3.54
N LEU A 72 8.60 2.95 4.12
CA LEU A 72 7.81 4.23 4.09
C LEU A 72 6.87 4.29 5.30
N VAL A 73 6.49 3.15 5.85
CA VAL A 73 5.64 3.05 7.10
C VAL A 73 4.45 2.09 6.96
N GLU A 74 3.70 2.05 5.86
CA GLU A 74 2.55 1.11 5.90
C GLU A 74 1.50 1.72 6.83
N ILE A 75 0.26 1.52 6.55
CA ILE A 75 -0.83 2.06 7.39
C ILE A 75 -1.17 3.49 6.94
N VAL A 76 -2.06 4.14 7.68
CA VAL A 76 -2.53 5.53 7.41
C VAL A 76 -4.04 5.60 7.69
N GLU A 77 -4.47 6.67 8.33
CA GLU A 77 -5.92 6.82 8.66
C GLU A 77 -6.08 8.01 9.62
N LYS A 78 -6.64 9.09 9.16
CA LYS A 78 -6.81 10.28 10.05
C LYS A 78 -8.29 10.52 10.33
N ALA A 79 -8.96 9.55 10.90
CA ALA A 79 -10.40 9.73 11.22
C ALA A 79 -11.23 9.74 9.93
N VAL A 80 -10.72 9.12 8.89
CA VAL A 80 -11.45 9.08 7.58
C VAL A 80 -11.07 10.30 6.73
N ARG A 81 -10.54 10.06 5.56
CA ARG A 81 -10.13 11.17 4.65
C ARG A 81 -8.97 10.68 3.77
N GLN A 1 15.29 4.51 -7.52
CA GLN A 1 14.92 5.49 -6.46
C GLN A 1 13.60 6.17 -6.82
N ARG A 2 12.60 6.06 -5.99
CA ARG A 2 11.30 6.70 -6.30
C ARG A 2 10.31 6.49 -5.15
N LYS A 3 9.54 5.43 -5.20
CA LYS A 3 8.53 5.18 -4.12
C LYS A 3 7.53 4.14 -4.63
N VAL A 4 6.27 4.27 -4.27
CA VAL A 4 5.18 3.37 -4.75
C VAL A 4 4.62 2.39 -3.73
N TYR A 5 3.51 2.77 -3.13
CA TYR A 5 2.76 1.90 -2.18
C TYR A 5 2.06 2.79 -1.13
N VAL A 6 1.71 2.23 -0.03
CA VAL A 6 0.97 2.95 1.03
C VAL A 6 0.24 1.90 1.84
N GLY A 7 0.20 2.12 3.11
CA GLY A 7 -0.35 1.15 4.04
C GLY A 7 -1.84 0.98 4.00
N ARG A 8 -2.48 0.83 2.86
CA ARG A 8 -3.90 0.55 2.99
C ARG A 8 -3.89 -0.73 3.67
N VAL A 9 -4.68 -0.72 4.67
CA VAL A 9 -4.91 -1.81 5.59
C VAL A 9 -3.82 -2.16 6.61
N VAL A 10 -2.72 -2.74 6.24
CA VAL A 10 -1.71 -3.13 7.26
C VAL A 10 -1.95 -4.59 7.61
N SER A 11 -2.77 -5.20 6.84
CA SER A 11 -3.16 -6.61 7.03
C SER A 11 -4.54 -6.82 6.39
N ASP A 12 -5.48 -5.96 6.72
CA ASP A 12 -6.85 -6.04 6.14
C ASP A 12 -7.74 -6.77 7.16
N LYS A 13 -8.09 -6.06 8.21
CA LYS A 13 -8.91 -6.64 9.31
C LYS A 13 -7.94 -7.21 10.36
N MET A 14 -6.72 -7.46 9.96
CA MET A 14 -5.69 -8.00 10.90
C MET A 14 -5.81 -9.51 10.93
N ASP A 15 -6.93 -10.02 11.36
CA ASP A 15 -7.10 -11.48 11.39
C ASP A 15 -6.65 -12.04 10.05
N LYS A 16 -6.65 -11.20 9.06
CA LYS A 16 -6.21 -11.67 7.73
C LYS A 16 -4.68 -11.56 7.63
N THR A 17 -4.12 -10.39 7.94
CA THR A 17 -2.63 -10.18 7.84
C THR A 17 -2.37 -9.51 6.50
N ILE A 18 -1.20 -8.95 6.27
CA ILE A 18 -0.90 -8.29 4.96
C ILE A 18 0.16 -7.21 5.12
N THR A 19 -0.02 -6.31 6.01
CA THR A 19 1.01 -5.23 6.23
C THR A 19 0.59 -3.96 5.52
N VAL A 20 -0.18 -4.08 4.50
CA VAL A 20 -0.60 -2.89 3.74
C VAL A 20 -1.05 -3.39 2.37
N LEU A 21 -1.39 -2.53 1.49
CA LEU A 21 -2.04 -2.94 0.22
C LEU A 21 -2.62 -1.66 -0.29
N VAL A 22 -2.68 -1.47 -1.59
CA VAL A 22 -3.12 -0.15 -2.16
C VAL A 22 -2.73 -0.09 -3.66
N GLU A 23 -2.67 1.12 -4.22
CA GLU A 23 -2.33 1.34 -5.67
C GLU A 23 -3.62 1.54 -6.47
N THR A 24 -3.52 1.52 -7.79
CA THR A 24 -4.72 1.72 -8.66
C THR A 24 -4.89 3.21 -8.93
N TYR A 25 -5.12 3.60 -10.17
CA TYR A 25 -5.30 5.06 -10.51
C TYR A 25 -4.96 5.33 -11.98
N LYS A 26 -4.94 6.60 -12.32
CA LYS A 26 -4.60 7.06 -13.71
C LYS A 26 -5.01 6.04 -14.78
N LYS A 27 -5.98 6.38 -15.59
CA LYS A 27 -6.41 5.46 -16.67
C LYS A 27 -5.53 5.68 -17.90
N HIS A 28 -4.50 6.48 -17.76
CA HIS A 28 -3.54 6.76 -18.87
C HIS A 28 -4.23 6.56 -20.27
N PRO A 29 -3.77 5.72 -21.21
CA PRO A 29 -4.48 5.61 -22.50
C PRO A 29 -5.74 4.76 -22.32
N LEU A 30 -5.59 3.58 -21.78
CA LEU A 30 -6.74 2.66 -21.55
C LEU A 30 -6.22 1.22 -21.62
N TYR A 31 -5.52 0.80 -20.61
CA TYR A 31 -4.96 -0.59 -20.62
C TYR A 31 -4.46 -0.94 -19.23
N GLY A 32 -3.49 -0.21 -18.74
CA GLY A 32 -2.95 -0.51 -17.39
C GLY A 32 -1.44 -0.74 -17.49
N LYS A 33 -0.77 -0.02 -18.35
CA LYS A 33 0.70 -0.22 -18.47
C LYS A 33 1.46 0.91 -17.75
N ARG A 34 0.72 1.74 -17.07
CA ARG A 34 1.34 2.86 -16.30
C ARG A 34 0.52 3.03 -15.02
N VAL A 35 0.54 2.01 -14.19
CA VAL A 35 -0.24 1.97 -12.92
C VAL A 35 -0.69 0.51 -12.71
N LYS A 36 -1.42 -0.03 -13.65
CA LYS A 36 -1.91 -1.45 -13.57
C LYS A 36 -3.35 -1.42 -13.09
N TYR A 37 -3.58 -0.64 -12.06
CA TYR A 37 -4.95 -0.47 -11.45
C TYR A 37 -5.07 -1.25 -10.15
N SER A 38 -3.98 -1.33 -9.44
CA SER A 38 -3.95 -2.05 -8.11
C SER A 38 -2.67 -2.86 -7.94
N LYS A 39 -1.99 -2.62 -6.85
CA LYS A 39 -0.76 -3.38 -6.50
C LYS A 39 -1.03 -3.86 -5.08
N LYS A 40 -0.06 -3.96 -4.21
CA LYS A 40 -0.39 -4.39 -2.83
C LYS A 40 0.85 -4.86 -2.08
N TYR A 41 0.94 -4.29 -0.91
CA TYR A 41 2.11 -4.38 -0.05
C TYR A 41 1.71 -5.30 1.10
N LYS A 42 1.98 -6.54 0.87
CA LYS A 42 1.59 -7.63 1.82
C LYS A 42 2.77 -8.05 2.72
N ALA A 43 2.49 -8.94 3.64
CA ALA A 43 3.53 -9.42 4.61
C ALA A 43 2.84 -9.82 5.93
N HIS A 44 3.55 -10.51 6.78
CA HIS A 44 2.97 -10.93 8.07
C HIS A 44 2.64 -9.69 8.91
N ASP A 45 1.76 -9.81 9.86
CA ASP A 45 1.43 -8.65 10.71
C ASP A 45 2.69 -8.12 11.37
N GLU A 46 2.89 -6.83 11.35
CA GLU A 46 4.12 -6.26 11.99
C GLU A 46 3.73 -5.10 12.90
N HIS A 47 3.85 -5.28 14.20
CA HIS A 47 3.50 -4.20 15.19
C HIS A 47 2.01 -4.24 15.51
N ASN A 48 1.34 -5.27 15.08
CA ASN A 48 -0.14 -5.39 15.34
C ASN A 48 -0.89 -4.66 14.24
N GLU A 49 -0.22 -4.36 13.16
CA GLU A 49 -0.87 -3.63 12.04
C GLU A 49 -1.23 -2.22 12.49
N ALA A 50 -0.95 -1.87 13.71
CA ALA A 50 -1.31 -0.50 14.21
C ALA A 50 -2.67 -0.08 13.63
N LYS A 51 -3.75 -0.46 14.27
CA LYS A 51 -5.12 -0.11 13.77
C LYS A 51 -5.63 -1.20 12.81
N VAL A 52 -4.77 -1.73 11.97
CA VAL A 52 -5.19 -2.79 11.01
C VAL A 52 -6.21 -2.23 10.05
N GLY A 53 -6.10 -2.66 8.84
CA GLY A 53 -7.01 -2.20 7.77
C GLY A 53 -7.13 -0.65 7.77
N ASP A 54 -6.04 0.09 7.63
CA ASP A 54 -6.14 1.59 7.63
C ASP A 54 -5.24 2.18 6.52
N ILE A 55 -5.46 3.42 6.13
CA ILE A 55 -4.61 4.04 5.06
C ILE A 55 -3.31 4.57 5.69
N VAL A 56 -2.43 3.69 6.05
CA VAL A 56 -1.15 4.09 6.72
C VAL A 56 -0.27 4.88 5.74
N LYS A 57 -0.03 4.26 4.70
CA LYS A 57 0.81 4.82 3.57
C LYS A 57 2.23 4.23 3.61
N ILE A 58 3.03 4.50 2.58
CA ILE A 58 4.42 3.95 2.43
C ILE A 58 4.71 3.95 0.92
N MET A 59 5.46 3.02 0.46
CA MET A 59 5.92 2.99 -0.95
C MET A 59 7.28 2.34 -0.83
N GLU A 60 8.10 2.42 -1.80
CA GLU A 60 9.48 1.86 -1.65
C GLU A 60 9.50 0.34 -1.82
N THR A 61 8.89 -0.14 -2.84
CA THR A 61 8.88 -1.61 -3.09
C THR A 61 10.17 -2.03 -3.83
N ARG A 62 11.17 -1.21 -3.82
CA ARG A 62 12.44 -1.57 -4.52
C ARG A 62 13.00 -2.87 -3.92
N PRO A 63 13.78 -3.56 -4.71
CA PRO A 63 14.40 -4.83 -4.28
C PRO A 63 15.30 -4.59 -3.07
N LEU A 64 16.28 -3.74 -3.21
CA LEU A 64 17.20 -3.47 -2.07
C LEU A 64 17.66 -4.79 -1.45
N SER A 65 18.23 -4.73 -0.29
CA SER A 65 18.70 -5.99 0.37
C SER A 65 18.50 -5.87 1.89
N ALA A 66 19.12 -6.75 2.64
CA ALA A 66 18.98 -6.69 4.11
C ALA A 66 17.50 -6.87 4.49
N THR A 67 16.77 -5.80 4.65
CA THR A 67 15.33 -5.93 5.01
C THR A 67 14.78 -4.56 5.41
N LYS A 68 13.94 -3.99 4.59
CA LYS A 68 13.37 -2.65 4.92
C LYS A 68 11.87 -2.65 4.57
N ARG A 69 11.52 -3.19 3.44
CA ARG A 69 10.08 -3.24 3.04
C ARG A 69 9.60 -1.84 2.64
N PHE A 70 8.84 -1.77 1.58
CA PHE A 70 8.32 -0.44 1.11
C PHE A 70 7.84 0.38 2.32
N ARG A 71 8.30 1.61 2.48
CA ARG A 71 7.88 2.44 3.66
C ARG A 71 7.40 3.85 3.22
N LEU A 72 7.58 4.86 4.06
CA LEU A 72 7.16 6.29 3.73
C LEU A 72 6.93 7.07 5.02
N VAL A 73 6.34 6.42 5.99
CA VAL A 73 6.00 7.07 7.29
C VAL A 73 4.68 6.52 7.80
N GLU A 74 3.73 6.19 6.94
CA GLU A 74 2.46 5.62 7.42
C GLU A 74 1.46 6.71 7.80
N ILE A 75 0.39 6.24 8.35
CA ILE A 75 -0.74 7.10 8.80
C ILE A 75 -2.03 6.26 8.89
N VAL A 76 -3.07 6.53 8.12
CA VAL A 76 -4.34 5.70 8.23
C VAL A 76 -5.56 6.56 7.90
N GLU A 77 -5.56 7.81 8.25
CA GLU A 77 -6.75 8.65 7.92
C GLU A 77 -6.65 10.01 8.63
N LYS A 78 -7.71 10.77 8.60
CA LYS A 78 -7.71 12.09 9.26
C LYS A 78 -8.64 12.07 10.48
N ALA A 79 -8.24 12.68 11.56
CA ALA A 79 -9.11 12.69 12.78
C ALA A 79 -9.15 11.29 13.39
N VAL A 80 -8.49 11.11 14.51
CA VAL A 80 -8.44 9.79 15.22
C VAL A 80 -7.15 9.79 16.05
N ARG A 81 -6.57 8.64 16.27
CA ARG A 81 -5.30 8.56 17.08
C ARG A 81 -5.64 8.41 18.56
N GLN A 1 9.43 11.00 -9.43
CA GLN A 1 9.09 9.60 -9.09
C GLN A 1 9.12 9.41 -7.58
N ARG A 2 10.29 9.31 -7.01
CA ARG A 2 10.41 9.13 -5.53
C ARG A 2 9.94 7.74 -5.11
N LYS A 3 9.52 6.92 -6.03
CA LYS A 3 9.07 5.54 -5.65
C LYS A 3 8.17 5.63 -4.41
N VAL A 4 7.84 4.50 -3.82
CA VAL A 4 6.96 4.43 -2.58
C VAL A 4 5.55 4.01 -3.06
N TYR A 5 4.56 4.47 -2.36
CA TYR A 5 3.11 4.18 -2.66
C TYR A 5 2.45 4.25 -1.33
N VAL A 6 1.30 3.64 -1.11
CA VAL A 6 0.68 3.70 0.27
C VAL A 6 -0.85 3.69 0.26
N GLY A 7 -1.48 2.97 1.20
CA GLY A 7 -2.96 3.08 1.30
C GLY A 7 -3.84 1.83 1.32
N ARG A 8 -4.67 1.72 0.33
CA ARG A 8 -5.73 0.67 0.30
C ARG A 8 -5.43 -0.45 1.17
N VAL A 9 -6.39 -0.66 2.03
CA VAL A 9 -6.45 -1.75 3.00
C VAL A 9 -5.28 -1.80 4.03
N VAL A 10 -4.45 -2.84 4.07
CA VAL A 10 -3.35 -2.97 5.10
C VAL A 10 -3.39 -4.41 5.55
N SER A 11 -4.53 -4.76 6.01
CA SER A 11 -4.82 -6.15 6.42
C SER A 11 -5.67 -6.69 5.28
N ASP A 12 -6.86 -6.15 5.15
CA ASP A 12 -7.77 -6.52 4.03
C ASP A 12 -8.75 -7.61 4.48
N LYS A 13 -8.66 -8.03 5.73
CA LYS A 13 -9.57 -9.09 6.25
C LYS A 13 -8.93 -10.45 6.02
N MET A 14 -8.91 -11.25 7.04
CA MET A 14 -8.32 -12.63 6.98
C MET A 14 -7.83 -13.00 8.38
N ASP A 15 -8.62 -12.67 9.39
CA ASP A 15 -8.25 -12.99 10.79
C ASP A 15 -6.73 -13.02 10.95
N LYS A 16 -6.02 -12.14 10.29
CA LYS A 16 -4.54 -12.19 10.42
C LYS A 16 -3.95 -10.80 10.23
N THR A 17 -4.39 -10.10 9.22
CA THR A 17 -3.89 -8.71 8.91
C THR A 17 -2.86 -8.80 7.78
N ILE A 18 -2.25 -7.70 7.41
CA ILE A 18 -1.26 -7.72 6.32
C ILE A 18 -1.96 -7.57 4.99
N THR A 19 -1.39 -6.74 4.15
CA THR A 19 -1.92 -6.38 2.81
C THR A 19 -2.03 -4.83 2.80
N VAL A 20 -2.66 -4.32 1.83
CA VAL A 20 -2.91 -2.87 1.59
C VAL A 20 -3.06 -2.87 0.07
N LEU A 21 -2.74 -1.88 -0.63
CA LEU A 21 -3.05 -1.86 -2.08
C LEU A 21 -3.24 -0.43 -2.35
N VAL A 22 -2.93 0.02 -3.51
CA VAL A 22 -3.00 1.50 -3.75
C VAL A 22 -2.29 1.89 -5.03
N GLU A 23 -3.06 2.22 -6.04
CA GLU A 23 -2.51 2.63 -7.35
C GLU A 23 -1.85 4.00 -7.24
N THR A 24 -1.96 4.82 -8.27
CA THR A 24 -1.35 6.19 -8.26
C THR A 24 -0.94 6.55 -9.69
N TYR A 25 -0.53 7.76 -9.89
CA TYR A 25 -0.07 8.22 -11.23
C TYR A 25 -1.23 8.70 -12.08
N LYS A 26 -0.92 9.41 -13.13
CA LYS A 26 -1.96 9.91 -14.05
C LYS A 26 -2.25 8.83 -15.12
N LYS A 27 -1.93 9.09 -16.38
CA LYS A 27 -2.17 8.06 -17.43
C LYS A 27 -1.33 8.36 -18.66
N HIS A 28 -0.27 9.09 -18.47
CA HIS A 28 0.66 9.42 -19.59
C HIS A 28 0.05 10.36 -20.61
N PRO A 29 0.94 10.98 -21.35
CA PRO A 29 0.59 11.92 -22.41
C PRO A 29 0.38 11.14 -23.72
N LEU A 30 0.20 9.84 -23.61
CA LEU A 30 0.04 8.95 -24.81
C LEU A 30 1.37 8.25 -25.05
N TYR A 31 2.04 7.87 -24.00
CA TYR A 31 3.36 7.20 -24.13
C TYR A 31 3.18 5.79 -24.69
N GLY A 32 1.96 5.37 -24.90
CA GLY A 32 1.72 4.01 -25.46
C GLY A 32 1.42 3.02 -24.34
N LYS A 33 0.70 3.41 -23.33
CA LYS A 33 0.40 2.45 -22.23
C LYS A 33 -0.49 3.11 -21.19
N ARG A 34 -1.19 2.31 -20.42
CA ARG A 34 -2.08 2.88 -19.37
C ARG A 34 -1.24 3.22 -18.13
N VAL A 35 0.05 3.01 -18.22
CA VAL A 35 1.06 3.28 -17.13
C VAL A 35 1.18 2.06 -16.23
N LYS A 36 0.20 1.90 -15.38
CA LYS A 36 0.15 0.77 -14.39
C LYS A 36 -0.30 1.37 -13.06
N TYR A 37 0.52 2.21 -12.49
CA TYR A 37 0.23 2.88 -11.18
C TYR A 37 0.97 2.17 -10.06
N SER A 38 0.54 0.96 -9.76
CA SER A 38 1.15 0.13 -8.68
C SER A 38 0.22 0.18 -7.47
N LYS A 39 -0.54 -0.86 -7.24
CA LYS A 39 -1.48 -0.89 -6.09
C LYS A 39 -1.52 -2.34 -5.60
N LYS A 40 -1.10 -2.63 -4.38
CA LYS A 40 -1.08 -4.07 -3.93
C LYS A 40 -0.04 -4.22 -2.82
N TYR A 41 -0.32 -3.73 -1.65
CA TYR A 41 0.73 -3.75 -0.60
C TYR A 41 0.40 -4.65 0.61
N LYS A 42 1.32 -4.67 1.56
CA LYS A 42 1.17 -5.46 2.82
C LYS A 42 1.22 -4.52 4.05
N ALA A 43 0.98 -5.05 5.25
CA ALA A 43 1.00 -4.20 6.49
C ALA A 43 0.08 -4.80 7.55
N HIS A 44 0.57 -4.98 8.74
CA HIS A 44 -0.29 -5.55 9.82
C HIS A 44 -0.90 -4.43 10.66
N ASP A 45 -2.20 -4.37 10.73
CA ASP A 45 -2.85 -3.29 11.54
C ASP A 45 -3.21 -3.84 12.91
N GLU A 46 -2.48 -3.47 13.93
CA GLU A 46 -2.78 -3.98 15.29
C GLU A 46 -3.83 -3.09 15.96
N HIS A 47 -4.78 -3.69 16.64
CA HIS A 47 -5.85 -2.92 17.34
C HIS A 47 -7.03 -2.70 16.38
N ASN A 48 -8.23 -2.96 16.85
CA ASN A 48 -9.43 -2.80 16.00
C ASN A 48 -9.62 -4.07 15.18
N GLU A 49 -8.80 -5.06 15.42
CA GLU A 49 -8.91 -6.31 14.64
C GLU A 49 -8.70 -5.98 13.16
N ALA A 50 -8.23 -4.79 12.88
CA ALA A 50 -8.01 -4.40 11.46
C ALA A 50 -9.21 -4.86 10.62
N LYS A 51 -9.10 -6.00 9.98
CA LYS A 51 -10.22 -6.54 9.15
C LYS A 51 -10.14 -6.01 7.72
N VAL A 52 -9.75 -4.77 7.55
CA VAL A 52 -9.67 -4.21 6.16
C VAL A 52 -8.64 -3.12 6.08
N GLY A 53 -7.75 -3.02 7.03
CA GLY A 53 -6.71 -1.97 6.91
C GLY A 53 -7.36 -0.61 6.79
N ASP A 54 -7.69 -0.27 5.57
CA ASP A 54 -8.38 1.02 5.19
C ASP A 54 -7.42 1.90 4.36
N ILE A 55 -7.51 3.21 4.50
CA ILE A 55 -6.60 4.11 3.72
C ILE A 55 -5.27 4.16 4.47
N VAL A 56 -4.36 3.30 4.13
CA VAL A 56 -3.06 3.25 4.88
C VAL A 56 -1.89 3.90 4.12
N LYS A 57 -0.76 3.25 4.12
CA LYS A 57 0.49 3.80 3.50
C LYS A 57 1.60 2.82 3.96
N ILE A 58 2.86 2.84 3.46
CA ILE A 58 3.80 1.70 3.88
C ILE A 58 5.05 1.46 2.96
N MET A 59 5.69 2.43 2.38
CA MET A 59 6.99 2.10 1.70
C MET A 59 6.88 1.66 0.25
N GLU A 60 7.75 0.73 -0.13
CA GLU A 60 7.76 0.20 -1.52
C GLU A 60 8.33 1.23 -2.51
N THR A 61 9.63 1.28 -2.61
CA THR A 61 10.31 2.20 -3.56
C THR A 61 10.68 1.43 -4.82
N ARG A 62 11.77 1.77 -5.46
CA ARG A 62 12.17 1.03 -6.69
C ARG A 62 13.57 0.42 -6.48
N PRO A 63 13.64 -0.88 -6.40
CA PRO A 63 14.91 -1.58 -6.20
C PRO A 63 15.89 -1.20 -7.31
N LEU A 64 16.88 -2.02 -7.55
CA LEU A 64 17.86 -1.69 -8.61
C LEU A 64 18.55 -0.37 -8.28
N SER A 65 19.55 0.01 -9.04
CA SER A 65 20.26 1.29 -8.75
C SER A 65 20.86 1.24 -7.35
N ALA A 66 21.10 2.37 -6.74
CA ALA A 66 21.69 2.38 -5.38
C ALA A 66 20.73 3.06 -4.41
N THR A 67 19.71 2.37 -3.96
CA THR A 67 18.75 2.99 -3.01
C THR A 67 18.16 1.91 -2.10
N LYS A 68 17.42 2.31 -1.10
CA LYS A 68 16.82 1.31 -0.16
C LYS A 68 15.88 0.38 -0.93
N ARG A 69 14.77 0.00 -0.34
CA ARG A 69 13.83 -0.91 -1.06
C ARG A 69 12.38 -0.52 -0.79
N PHE A 70 12.09 -0.01 0.38
CA PHE A 70 10.67 0.39 0.72
C PHE A 70 10.71 1.79 1.39
N ARG A 71 9.71 2.61 1.17
CA ARG A 71 9.69 3.95 1.86
C ARG A 71 8.81 3.84 3.11
N LEU A 72 7.65 4.48 3.17
CA LEU A 72 6.78 4.32 4.38
C LEU A 72 5.77 5.46 4.52
N VAL A 73 5.33 5.64 5.76
CA VAL A 73 4.30 6.64 6.14
C VAL A 73 3.25 5.86 6.89
N GLU A 74 2.73 4.83 6.27
CA GLU A 74 1.72 4.01 6.93
C GLU A 74 0.57 4.87 7.42
N ILE A 75 -0.45 4.20 7.83
CA ILE A 75 -1.69 4.86 8.36
C ILE A 75 -2.90 3.93 8.14
N VAL A 76 -4.04 4.40 7.65
CA VAL A 76 -5.27 3.54 7.47
C VAL A 76 -6.50 4.40 7.70
N GLU A 77 -6.50 5.21 8.74
CA GLU A 77 -7.67 6.07 9.02
C GLU A 77 -7.43 6.86 10.30
N LYS A 78 -7.01 8.08 10.17
CA LYS A 78 -6.74 8.91 11.38
C LYS A 78 -6.88 10.39 11.01
N ALA A 79 -8.06 10.78 10.57
CA ALA A 79 -8.26 12.20 10.19
C ALA A 79 -7.31 12.55 9.07
N VAL A 80 -6.16 13.04 9.44
CA VAL A 80 -5.11 13.45 8.46
C VAL A 80 -4.29 14.59 9.06
N ARG A 81 -3.04 14.33 9.37
CA ARG A 81 -2.15 15.38 9.98
C ARG A 81 -1.09 14.70 10.83
N GLN A 1 10.53 12.13 -4.58
CA GLN A 1 9.23 12.84 -4.59
C GLN A 1 8.16 11.93 -5.22
N ARG A 2 8.57 10.96 -5.99
CA ARG A 2 7.58 10.05 -6.62
C ARG A 2 7.77 8.63 -6.09
N LYS A 3 8.94 8.34 -5.59
CA LYS A 3 9.19 6.97 -5.04
C LYS A 3 8.33 6.78 -3.78
N VAL A 4 8.13 5.55 -3.38
CA VAL A 4 7.31 5.19 -2.15
C VAL A 4 5.92 4.70 -2.59
N TYR A 5 4.92 5.00 -1.82
CA TYR A 5 3.51 4.57 -2.11
C TYR A 5 2.77 4.67 -0.82
N VAL A 6 1.73 3.89 -0.61
CA VAL A 6 0.95 4.02 0.66
C VAL A 6 -0.51 3.77 0.37
N GLY A 7 -1.26 3.13 1.27
CA GLY A 7 -2.68 3.00 0.93
C GLY A 7 -3.51 2.05 1.75
N ARG A 8 -4.54 1.57 1.09
CA ARG A 8 -5.51 0.69 1.71
C ARG A 8 -4.90 -0.19 2.67
N VAL A 9 -5.74 -0.48 3.59
CA VAL A 9 -5.46 -1.39 4.66
C VAL A 9 -4.10 -1.18 5.30
N VAL A 10 -3.11 -2.00 5.04
CA VAL A 10 -1.77 -1.87 5.67
C VAL A 10 -1.54 -3.15 6.45
N SER A 11 -2.59 -3.53 7.07
CA SER A 11 -2.67 -4.82 7.81
C SER A 11 -3.68 -5.65 7.03
N ASP A 12 -4.95 -5.36 7.15
CA ASP A 12 -6.00 -6.05 6.34
C ASP A 12 -6.67 -7.20 7.08
N LYS A 13 -6.56 -7.26 8.39
CA LYS A 13 -7.19 -8.37 9.15
C LYS A 13 -6.17 -9.49 9.25
N MET A 14 -6.21 -10.21 10.33
CA MET A 14 -5.25 -11.33 10.57
C MET A 14 -4.96 -11.39 12.07
N ASP A 15 -5.34 -10.38 12.80
CA ASP A 15 -5.03 -10.39 14.24
C ASP A 15 -3.52 -10.26 14.35
N LYS A 16 -2.91 -9.71 13.33
CA LYS A 16 -1.44 -9.56 13.35
C LYS A 16 -1.06 -8.23 12.72
N THR A 17 -1.29 -8.09 11.42
CA THR A 17 -0.95 -6.81 10.68
C THR A 17 -0.28 -7.14 9.34
N ILE A 18 0.08 -6.13 8.57
CA ILE A 18 0.77 -6.36 7.26
C ILE A 18 -0.22 -6.53 6.11
N THR A 19 0.05 -5.80 5.05
CA THR A 19 -0.76 -5.77 3.77
C THR A 19 -1.11 -4.29 3.51
N VAL A 20 -2.02 -4.02 2.64
CA VAL A 20 -2.50 -2.64 2.26
C VAL A 20 -3.09 -2.80 0.88
N LEU A 21 -2.67 -2.14 -0.10
CA LEU A 21 -3.32 -2.24 -1.45
C LEU A 21 -3.26 -0.79 -1.94
N VAL A 22 -3.12 -0.58 -3.20
CA VAL A 22 -2.96 0.80 -3.77
C VAL A 22 -2.52 0.65 -5.24
N GLU A 23 -3.03 1.49 -6.10
CA GLU A 23 -2.73 1.39 -7.57
C GLU A 23 -1.22 1.21 -7.85
N THR A 24 -0.65 2.00 -8.73
CA THR A 24 0.81 1.87 -9.03
C THR A 24 1.09 2.32 -10.47
N TYR A 25 2.34 2.42 -10.80
CA TYR A 25 2.75 2.83 -12.16
C TYR A 25 2.83 4.36 -12.24
N LYS A 26 2.59 4.90 -13.39
CA LYS A 26 2.63 6.38 -13.54
C LYS A 26 1.44 6.83 -14.40
N LYS A 27 1.53 7.98 -15.03
CA LYS A 27 0.38 8.43 -15.87
C LYS A 27 0.77 8.34 -17.35
N HIS A 28 1.89 7.72 -17.64
CA HIS A 28 2.34 7.53 -19.05
C HIS A 28 1.73 8.61 -20.00
N PRO A 29 0.97 8.31 -21.07
CA PRO A 29 0.44 9.41 -21.90
C PRO A 29 -0.68 10.14 -21.17
N LEU A 30 -1.68 9.40 -20.70
CA LEU A 30 -2.82 10.02 -19.96
C LEU A 30 -4.05 9.14 -20.16
N TYR A 31 -3.99 7.92 -19.70
CA TYR A 31 -5.14 7.01 -19.88
C TYR A 31 -4.96 5.81 -18.96
N GLY A 32 -5.38 4.66 -19.39
CA GLY A 32 -5.23 3.44 -18.56
C GLY A 32 -4.72 2.32 -19.46
N LYS A 33 -3.72 2.59 -20.23
CA LYS A 33 -3.17 1.53 -21.12
C LYS A 33 -1.70 1.32 -20.78
N ARG A 34 -1.04 0.44 -21.46
CA ARG A 34 0.39 0.20 -21.14
C ARG A 34 0.57 0.13 -19.63
N VAL A 35 -0.27 -0.65 -18.97
CA VAL A 35 -0.22 -0.83 -17.47
C VAL A 35 -1.66 -0.90 -16.92
N LYS A 36 -2.07 0.00 -16.04
CA LYS A 36 -3.45 -0.03 -15.45
C LYS A 36 -3.29 0.27 -13.96
N TYR A 37 -2.22 -0.21 -13.36
CA TYR A 37 -1.94 0.02 -11.91
C TYR A 37 -2.38 -1.25 -11.14
N SER A 38 -3.29 -1.12 -10.17
CA SER A 38 -3.81 -2.34 -9.43
C SER A 38 -3.94 -2.10 -7.90
N LYS A 39 -3.09 -2.70 -7.10
CA LYS A 39 -3.17 -2.58 -5.63
C LYS A 39 -1.83 -3.14 -5.13
N LYS A 40 -1.80 -4.02 -4.14
CA LYS A 40 -0.49 -4.70 -3.70
C LYS A 40 0.37 -4.01 -2.61
N TYR A 41 0.05 -4.18 -1.35
CA TYR A 41 0.94 -3.52 -0.34
C TYR A 41 0.95 -4.28 1.00
N LYS A 42 2.03 -4.08 1.74
CA LYS A 42 2.22 -4.71 3.09
C LYS A 42 2.61 -3.63 4.13
N ALA A 43 2.66 -3.93 5.42
CA ALA A 43 3.07 -2.87 6.42
C ALA A 43 2.49 -3.12 7.82
N HIS A 44 3.17 -2.62 8.82
CA HIS A 44 2.70 -2.80 10.22
C HIS A 44 1.84 -1.61 10.65
N ASP A 45 0.59 -1.83 10.96
CA ASP A 45 -0.28 -0.71 11.40
C ASP A 45 0.03 -0.40 12.86
N GLU A 46 1.10 0.31 13.11
CA GLU A 46 1.50 0.65 14.50
C GLU A 46 0.75 1.90 14.98
N HIS A 47 0.61 2.05 16.28
CA HIS A 47 -0.10 3.23 16.85
C HIS A 47 -0.67 2.87 18.22
N ASN A 48 -0.88 1.60 18.47
CA ASN A 48 -1.40 1.18 19.80
C ASN A 48 -2.89 1.50 19.92
N GLU A 49 -3.47 2.05 18.88
CA GLU A 49 -4.92 2.37 18.96
C GLU A 49 -5.71 1.39 18.08
N ALA A 50 -5.18 0.22 17.88
CA ALA A 50 -5.91 -0.79 17.04
C ALA A 50 -6.23 -0.18 15.67
N LYS A 51 -6.61 -1.01 14.74
CA LYS A 51 -6.95 -0.55 13.35
C LYS A 51 -6.65 -1.69 12.37
N VAL A 52 -5.49 -1.67 11.76
CA VAL A 52 -5.15 -2.77 10.81
C VAL A 52 -6.15 -2.83 9.68
N GLY A 53 -5.64 -2.64 8.51
CA GLY A 53 -6.47 -2.69 7.31
C GLY A 53 -7.31 -1.42 7.22
N ASP A 54 -6.64 -0.30 7.21
CA ASP A 54 -7.34 1.02 7.06
C ASP A 54 -6.61 1.75 5.94
N ILE A 55 -6.78 3.03 5.76
CA ILE A 55 -5.98 3.67 4.71
C ILE A 55 -4.71 4.08 5.46
N VAL A 56 -3.72 3.24 5.43
CA VAL A 56 -2.54 3.54 6.29
C VAL A 56 -1.20 3.66 5.51
N LYS A 57 -1.18 3.80 4.24
CA LYS A 57 0.16 4.07 3.59
C LYS A 57 1.05 2.80 3.48
N ILE A 58 2.38 2.83 3.07
CA ILE A 58 3.18 1.50 3.04
C ILE A 58 4.39 1.30 2.08
N MET A 59 5.11 2.21 1.49
CA MET A 59 6.32 1.70 0.67
C MET A 59 5.93 1.47 -0.81
N GLU A 60 6.86 0.95 -1.62
CA GLU A 60 6.60 0.56 -3.06
C GLU A 60 6.56 1.71 -4.05
N THR A 61 7.72 2.23 -4.42
CA THR A 61 7.76 3.31 -5.45
C THR A 61 7.04 2.78 -6.70
N ARG A 62 7.55 1.71 -7.25
CA ARG A 62 6.92 1.11 -8.47
C ARG A 62 7.76 -0.07 -8.95
N PRO A 63 7.09 -1.11 -9.38
CA PRO A 63 7.77 -2.34 -9.87
C PRO A 63 8.67 -2.03 -11.08
N LEU A 64 9.57 -2.93 -11.38
CA LEU A 64 10.49 -2.72 -12.55
C LEU A 64 11.59 -1.72 -12.19
N SER A 65 12.77 -1.93 -12.70
CA SER A 65 13.90 -1.00 -12.40
C SER A 65 13.88 -0.65 -10.92
N ALA A 66 14.46 -1.48 -10.10
CA ALA A 66 14.47 -1.20 -8.64
C ALA A 66 15.17 -2.36 -7.92
N THR A 67 14.68 -2.75 -6.77
CA THR A 67 15.33 -3.88 -6.03
C THR A 67 14.26 -4.89 -5.61
N LYS A 68 13.43 -4.53 -4.67
CA LYS A 68 12.36 -5.46 -4.21
C LYS A 68 11.76 -4.90 -2.92
N ARG A 69 12.52 -4.19 -2.15
CA ARG A 69 12.00 -3.62 -0.89
C ARG A 69 10.82 -2.67 -1.18
N PHE A 70 10.72 -1.59 -0.48
CA PHE A 70 9.60 -0.63 -0.72
C PHE A 70 9.82 0.57 0.27
N ARG A 71 9.07 1.68 0.22
CA ARG A 71 9.36 2.80 1.17
C ARG A 71 8.49 2.65 2.42
N LEU A 72 7.42 3.39 2.55
CA LEU A 72 6.53 3.26 3.76
C LEU A 72 5.83 4.59 3.98
N VAL A 73 5.51 4.87 5.22
CA VAL A 73 4.82 6.13 5.63
C VAL A 73 3.80 5.77 6.69
N GLU A 74 2.86 4.93 6.38
CA GLU A 74 1.86 4.53 7.42
C GLU A 74 0.79 5.62 7.61
N ILE A 75 -0.45 5.21 7.74
CA ILE A 75 -1.62 6.13 7.95
C ILE A 75 -2.26 6.60 6.63
N VAL A 76 -3.25 7.44 6.77
CA VAL A 76 -4.04 8.05 5.65
C VAL A 76 -5.55 7.77 5.84
N GLU A 77 -6.36 8.76 5.55
CA GLU A 77 -7.85 8.68 5.71
C GLU A 77 -8.33 9.82 6.61
N LYS A 78 -7.93 11.03 6.32
CA LYS A 78 -8.35 12.18 7.19
C LYS A 78 -8.87 13.32 6.30
N ALA A 79 -9.33 13.00 5.13
CA ALA A 79 -9.85 14.07 4.22
C ALA A 79 -8.74 15.09 3.95
N VAL A 80 -8.31 15.19 2.71
CA VAL A 80 -7.23 16.16 2.34
C VAL A 80 -5.86 15.51 2.54
N ARG A 81 -4.98 15.65 1.58
CA ARG A 81 -3.62 15.04 1.68
C ARG A 81 -3.65 13.62 1.14
N GLN A 1 2.93 5.62 -14.66
CA GLN A 1 3.10 4.69 -13.52
C GLN A 1 3.76 5.43 -12.35
N ARG A 2 5.05 5.58 -12.38
CA ARG A 2 5.75 6.31 -11.28
C ARG A 2 5.76 5.44 -10.01
N LYS A 3 6.92 5.02 -9.58
CA LYS A 3 6.98 4.18 -8.34
C LYS A 3 6.21 4.88 -7.22
N VAL A 4 6.12 4.22 -6.07
CA VAL A 4 5.38 4.75 -4.86
C VAL A 4 4.59 3.59 -4.24
N TYR A 5 3.47 3.85 -3.57
CA TYR A 5 2.65 2.77 -2.94
C TYR A 5 1.87 3.39 -1.77
N VAL A 6 1.67 2.66 -0.73
CA VAL A 6 0.90 3.13 0.45
C VAL A 6 0.20 1.97 1.13
N GLY A 7 -0.02 2.15 2.39
CA GLY A 7 -0.59 1.14 3.27
C GLY A 7 -2.09 0.96 3.11
N ARG A 8 -2.59 0.78 1.92
CA ARG A 8 -3.98 0.43 1.87
C ARG A 8 -3.98 -0.91 2.42
N VAL A 9 -4.85 -1.07 3.32
CA VAL A 9 -5.03 -2.36 3.98
C VAL A 9 -4.02 -2.65 5.14
N VAL A 10 -2.69 -2.64 5.00
CA VAL A 10 -1.80 -2.95 6.19
C VAL A 10 -1.53 -4.43 6.15
N SER A 11 -2.59 -5.15 6.29
CA SER A 11 -2.57 -6.61 6.22
C SER A 11 -3.44 -7.00 5.02
N ASP A 12 -4.71 -7.26 5.25
CA ASP A 12 -5.65 -7.64 4.15
C ASP A 12 -5.82 -9.17 4.21
N LYS A 13 -6.49 -9.64 5.23
CA LYS A 13 -6.66 -11.10 5.45
C LYS A 13 -5.52 -11.53 6.37
N MET A 14 -5.85 -11.75 7.60
CA MET A 14 -4.83 -12.11 8.63
C MET A 14 -5.36 -11.62 9.98
N ASP A 15 -6.23 -10.64 9.95
CA ASP A 15 -6.77 -10.11 11.23
C ASP A 15 -5.60 -9.82 12.15
N LYS A 16 -4.47 -9.52 11.57
CA LYS A 16 -3.28 -9.23 12.42
C LYS A 16 -2.57 -7.98 11.93
N THR A 17 -2.19 -7.95 10.67
CA THR A 17 -1.46 -6.76 10.05
C THR A 17 -0.34 -7.27 9.15
N ILE A 18 0.27 -6.38 8.39
CA ILE A 18 1.37 -6.76 7.49
C ILE A 18 0.80 -7.20 6.14
N THR A 19 1.10 -6.39 5.16
CA THR A 19 0.62 -6.52 3.77
C THR A 19 0.05 -5.11 3.47
N VAL A 20 -0.87 -4.95 2.61
CA VAL A 20 -1.42 -3.60 2.33
C VAL A 20 -2.04 -3.70 0.99
N LEU A 21 -1.44 -3.24 0.00
CA LEU A 21 -2.04 -3.27 -1.35
C LEU A 21 -2.40 -1.84 -1.61
N VAL A 22 -2.69 -1.45 -2.83
CA VAL A 22 -3.00 -0.02 -3.13
C VAL A 22 -2.95 0.16 -4.65
N GLU A 23 -4.08 0.42 -5.24
CA GLU A 23 -4.13 0.64 -6.72
C GLU A 23 -3.60 2.04 -7.04
N THR A 24 -4.49 2.96 -7.39
CA THR A 24 -4.09 4.38 -7.72
C THR A 24 -4.24 4.63 -9.21
N TYR A 25 -4.54 5.84 -9.59
CA TYR A 25 -4.67 6.22 -11.04
C TYR A 25 -6.14 6.15 -11.46
N LYS A 26 -6.45 6.79 -12.56
CA LYS A 26 -7.85 6.78 -13.07
C LYS A 26 -8.02 5.65 -14.10
N LYS A 27 -8.62 5.92 -15.24
CA LYS A 27 -8.80 4.84 -16.25
C LYS A 27 -8.54 5.40 -17.66
N HIS A 28 -8.13 6.64 -17.75
CA HIS A 28 -7.79 7.26 -19.07
C HIS A 28 -8.64 6.61 -20.20
N PRO A 29 -8.13 6.40 -21.43
CA PRO A 29 -8.96 5.83 -22.50
C PRO A 29 -9.03 4.30 -22.36
N LEU A 30 -7.89 3.66 -22.52
CA LEU A 30 -7.81 2.17 -22.41
C LEU A 30 -6.64 1.69 -23.28
N TYR A 31 -5.50 2.32 -23.14
CA TYR A 31 -4.31 1.94 -23.94
C TYR A 31 -3.97 0.47 -23.70
N GLY A 32 -4.58 -0.41 -24.45
CA GLY A 32 -4.31 -1.86 -24.26
C GLY A 32 -4.35 -2.19 -22.76
N LYS A 33 -5.07 -1.39 -22.01
CA LYS A 33 -5.17 -1.62 -20.55
C LYS A 33 -5.88 -0.42 -19.96
N ARG A 34 -5.91 -0.28 -18.67
CA ARG A 34 -6.60 0.90 -18.09
C ARG A 34 -5.62 1.74 -17.27
N VAL A 35 -4.39 1.27 -17.17
CA VAL A 35 -3.32 1.98 -16.39
C VAL A 35 -2.48 0.95 -15.60
N LYS A 36 -3.13 0.15 -14.78
CA LYS A 36 -2.45 -0.89 -13.93
C LYS A 36 -2.72 -0.54 -12.47
N TYR A 37 -2.38 0.66 -12.06
CA TYR A 37 -2.66 1.15 -10.67
C TYR A 37 -1.43 0.95 -9.76
N SER A 38 -0.63 -0.05 -10.05
CA SER A 38 0.60 -0.33 -9.22
C SER A 38 0.74 -1.85 -9.00
N LYS A 39 0.40 -2.35 -7.83
CA LYS A 39 0.54 -3.82 -7.62
C LYS A 39 -0.11 -4.14 -6.29
N LYS A 40 0.60 -3.83 -5.22
CA LYS A 40 0.07 -4.04 -3.83
C LYS A 40 1.25 -4.39 -2.91
N TYR A 41 1.17 -4.04 -1.65
CA TYR A 41 2.41 -4.14 -0.82
C TYR A 41 2.24 -4.78 0.58
N LYS A 42 3.19 -4.41 1.44
CA LYS A 42 3.21 -4.88 2.87
C LYS A 42 3.20 -3.66 3.82
N ALA A 43 3.05 -3.87 5.12
CA ALA A 43 3.02 -2.74 6.09
C ALA A 43 2.18 -3.12 7.32
N HIS A 44 2.48 -2.54 8.45
CA HIS A 44 1.69 -2.86 9.68
C HIS A 44 0.96 -1.61 10.17
N ASP A 45 -0.21 -1.77 10.72
CA ASP A 45 -0.97 -0.60 11.23
C ASP A 45 -0.26 -0.10 12.50
N GLU A 46 -0.98 0.43 13.44
CA GLU A 46 -0.32 0.91 14.69
C GLU A 46 -0.60 -0.09 15.81
N HIS A 47 -0.95 -1.29 15.44
CA HIS A 47 -1.24 -2.37 16.44
C HIS A 47 -2.70 -2.35 16.86
N ASN A 48 -3.36 -3.47 16.72
CA ASN A 48 -4.79 -3.57 17.14
C ASN A 48 -5.72 -2.95 16.09
N GLU A 49 -5.21 -2.17 15.18
CA GLU A 49 -6.11 -1.58 14.16
C GLU A 49 -6.99 -2.70 13.60
N ALA A 50 -6.35 -3.77 13.15
CA ALA A 50 -7.09 -4.95 12.60
C ALA A 50 -8.15 -4.55 11.56
N LYS A 51 -8.34 -5.37 10.56
CA LYS A 51 -9.36 -5.11 9.50
C LYS A 51 -8.77 -4.25 8.37
N VAL A 52 -8.28 -4.87 7.33
CA VAL A 52 -7.73 -4.08 6.18
C VAL A 52 -7.00 -2.87 6.67
N GLY A 53 -6.23 -3.01 7.73
CA GLY A 53 -5.43 -1.86 8.23
C GLY A 53 -6.24 -0.58 8.16
N ASP A 54 -6.21 -0.01 7.00
CA ASP A 54 -6.93 1.27 6.71
C ASP A 54 -6.06 2.03 5.70
N ILE A 55 -6.08 3.33 5.65
CA ILE A 55 -5.17 4.01 4.71
C ILE A 55 -3.90 4.28 5.49
N VAL A 56 -2.86 3.55 5.21
CA VAL A 56 -1.62 3.71 5.99
C VAL A 56 -0.58 4.49 5.20
N LYS A 57 -0.43 4.09 4.05
CA LYS A 57 0.55 4.73 3.10
C LYS A 57 1.93 4.02 3.19
N ILE A 58 2.88 4.46 2.40
CA ILE A 58 4.28 3.85 2.33
C ILE A 58 4.72 4.14 0.91
N MET A 59 5.47 3.28 0.27
CA MET A 59 5.95 3.55 -1.11
C MET A 59 7.31 2.95 -1.26
N GLU A 60 8.28 3.66 -0.92
CA GLU A 60 9.66 3.13 -0.99
C GLU A 60 9.98 2.69 -2.42
N THR A 61 9.96 1.42 -2.66
CA THR A 61 10.28 0.91 -4.03
C THR A 61 9.87 -0.56 -4.11
N ARG A 62 9.59 -1.05 -5.28
CA ARG A 62 9.19 -2.48 -5.41
C ARG A 62 10.21 -3.35 -4.67
N PRO A 63 9.79 -4.55 -4.32
CA PRO A 63 10.65 -5.50 -3.60
C PRO A 63 11.91 -5.81 -4.43
N LEU A 64 12.99 -6.12 -3.77
CA LEU A 64 14.24 -6.44 -4.52
C LEU A 64 15.17 -7.26 -3.61
N SER A 65 16.41 -7.41 -3.99
CA SER A 65 17.36 -8.20 -3.16
C SER A 65 18.39 -7.26 -2.53
N ALA A 66 17.96 -6.10 -2.09
CA ALA A 66 18.91 -5.14 -1.47
C ALA A 66 18.25 -4.49 -0.25
N THR A 67 17.00 -4.14 -0.37
CA THR A 67 16.29 -3.50 0.77
C THR A 67 14.99 -4.26 1.05
N LYS A 68 14.30 -3.92 2.11
CA LYS A 68 13.03 -4.63 2.42
C LYS A 68 12.03 -4.41 1.28
N ARG A 69 10.76 -4.36 1.58
CA ARG A 69 9.76 -4.15 0.50
C ARG A 69 9.57 -2.65 0.26
N PHE A 70 8.91 -1.96 1.16
CA PHE A 70 8.71 -0.50 0.96
C PHE A 70 8.22 0.14 2.26
N ARG A 71 7.76 1.36 2.17
CA ARG A 71 7.30 2.11 3.38
C ARG A 71 7.08 3.56 2.97
N LEU A 72 6.78 4.43 3.92
CA LEU A 72 6.60 5.90 3.64
C LEU A 72 5.21 6.46 4.00
N VAL A 73 5.18 7.19 5.09
CA VAL A 73 3.95 7.88 5.61
C VAL A 73 3.39 7.02 6.68
N GLU A 74 2.93 5.91 6.26
CA GLU A 74 2.31 4.95 7.21
C GLU A 74 1.12 5.63 7.91
N ILE A 75 -0.02 4.99 7.90
CA ILE A 75 -1.28 5.51 8.52
C ILE A 75 -2.03 6.41 7.52
N VAL A 76 -3.26 6.79 7.87
CA VAL A 76 -4.13 7.66 7.01
C VAL A 76 -5.58 7.11 6.98
N GLU A 77 -6.53 7.98 6.83
CA GLU A 77 -7.95 7.54 6.79
C GLU A 77 -8.33 6.86 8.11
N LYS A 78 -7.97 7.46 9.21
CA LYS A 78 -8.31 6.85 10.53
C LYS A 78 -8.38 7.94 11.59
N ALA A 79 -9.29 7.82 12.52
CA ALA A 79 -9.41 8.85 13.59
C ALA A 79 -9.72 10.21 12.97
N VAL A 80 -10.97 10.60 12.99
CA VAL A 80 -11.40 11.91 12.41
C VAL A 80 -12.85 11.81 11.92
N ARG A 81 -13.78 11.75 12.85
CA ARG A 81 -15.23 11.64 12.48
C ARG A 81 -15.61 10.16 12.34
#